data_9E40
#
_entry.id   9E40
#
_cell.length_a   36.544
_cell.length_b   81.654
_cell.length_c   89.713
_cell.angle_alpha   90.00
_cell.angle_beta   90.00
_cell.angle_gamma   90.00
#
_symmetry.space_group_name_H-M   'P 21 21 21'
#
loop_
_entity.id
_entity.type
_entity.pdbx_description
1 polymer 'Ricin A chain'
2 non-polymer '5-(4-fluoro-2,6-dimethylphenyl)thiophene-2-carboxylic acid'
3 non-polymer IMIDAZOLE
4 non-polymer '4-(2-HYDROXYETHYL)-1-PIPERAZINE ETHANESULFONIC ACID'
5 non-polymer 'NICKEL (II) ION'
6 non-polymer 'CHLORIDE ION'
7 water water
#
_entity_poly.entity_id   1
_entity_poly.type   'polypeptide(L)'
_entity_poly.pdbx_seq_one_letter_code
;SNAMIFPKQYPIINFTTAGATVQSYTNFIRAVRGRLTTGADVRHEIPVLPNRVGLPINQRFILVELSNHAELSVTLALDV
TNAYVVGYRAGNSAYFFHPDNQEDAEAITHLFTDVQNRYTFAFGGNYDRLEQLAGNLRENIELGNGPLEEAISALYYYST
GGTQLPTLARSFIICIQMISEAARFQYIEGEMRTRIRYNRRSAPDPSVITLENSWGRLSTAIQESNQGAFASPIQLQRRN
GSKFSVYDVSILIPIIALMVYRCAPPPSSQF
;
_entity_poly.pdbx_strand_id   A
#
# COMPACT_ATOMS: atom_id res chain seq x y z
N SER A 1 -36.47 -16.25 11.25
CA SER A 1 -35.18 -15.60 11.24
C SER A 1 -35.34 -14.33 10.43
N ASN A 2 -36.41 -13.61 10.78
CA ASN A 2 -37.00 -12.64 9.88
C ASN A 2 -36.02 -11.52 9.54
N ALA A 3 -35.46 -10.87 10.56
CA ALA A 3 -34.72 -9.63 10.34
C ALA A 3 -33.27 -9.89 9.94
N MET A 4 -32.83 -9.27 8.86
CA MET A 4 -31.47 -9.41 8.34
C MET A 4 -30.51 -8.44 9.02
N ILE A 5 -29.31 -8.93 9.32
CA ILE A 5 -28.24 -8.14 9.92
C ILE A 5 -27.08 -8.06 8.94
N PHE A 6 -26.70 -6.84 8.56
CA PHE A 6 -25.61 -6.63 7.62
C PHE A 6 -24.36 -6.06 8.30
N PRO A 7 -23.18 -6.37 7.79
CA PRO A 7 -21.98 -5.65 8.23
C PRO A 7 -22.08 -4.19 7.83
N LYS A 8 -21.45 -3.33 8.62
CA LYS A 8 -21.58 -1.89 8.39
C LYS A 8 -20.32 -1.23 7.86
N GLN A 9 -19.18 -1.92 7.85
CA GLN A 9 -18.04 -1.37 7.11
C GLN A 9 -17.07 -2.49 6.76
N TYR A 10 -16.09 -2.13 5.95
CA TYR A 10 -15.09 -3.06 5.48
C TYR A 10 -14.21 -3.53 6.63
N PRO A 11 -13.47 -4.62 6.44
CA PRO A 11 -12.57 -5.09 7.51
C PRO A 11 -11.55 -4.02 7.86
N ILE A 12 -11.23 -3.93 9.15
CA ILE A 12 -10.28 -2.94 9.66
C ILE A 12 -9.12 -3.68 10.30
N ILE A 13 -7.90 -3.26 9.98
CA ILE A 13 -6.68 -3.70 10.63
C ILE A 13 -6.05 -2.47 11.27
N ASN A 14 -5.68 -2.59 12.55
CA ASN A 14 -5.17 -1.46 13.32
C ASN A 14 -3.65 -1.55 13.46
N PHE A 15 -2.99 -0.39 13.41
CA PHE A 15 -1.59 -0.27 13.76
C PHE A 15 -1.39 1.04 14.47
N THR A 16 -0.56 1.03 15.52
CA THR A 16 -0.20 2.27 16.20
C THR A 16 1.31 2.40 16.26
N THR A 17 1.81 3.63 16.06
CA THR A 17 3.22 3.89 16.28
C THR A 17 3.57 3.95 17.76
N ALA A 18 2.59 4.07 18.64
CA ALA A 18 2.84 4.21 20.07
C ALA A 18 3.11 2.82 20.66
N GLY A 19 4.36 2.54 20.98
CA GLY A 19 4.75 1.22 21.40
C GLY A 19 5.06 0.26 20.28
N ALA A 20 5.26 0.76 19.06
CA ALA A 20 5.57 -0.10 17.93
C ALA A 20 6.90 -0.82 18.14
N THR A 21 6.93 -2.09 17.75
CA THR A 21 8.10 -2.95 17.81
C THR A 21 8.22 -3.66 16.48
N VAL A 22 9.35 -4.33 16.28
CA VAL A 22 9.49 -5.20 15.11
C VAL A 22 8.35 -6.21 15.08
N GLN A 23 7.99 -6.76 16.23
CA GLN A 23 6.93 -7.75 16.32
C GLN A 23 5.58 -7.15 15.95
N SER A 24 5.23 -6.00 16.52
CA SER A 24 3.91 -5.43 16.22
C SER A 24 3.80 -5.02 14.75
N TYR A 25 4.89 -4.51 14.16
CA TYR A 25 4.84 -4.18 12.75
C TYR A 25 4.75 -5.43 11.89
N THR A 26 5.48 -6.48 12.25
CA THR A 26 5.39 -7.74 11.52
C THR A 26 3.98 -8.32 11.59
N ASN A 27 3.38 -8.32 12.78
CA ASN A 27 2.01 -8.83 12.92
C ASN A 27 1.04 -8.02 12.07
N PHE A 28 1.26 -6.70 11.99
CA PHE A 28 0.38 -5.84 11.21
C PHE A 28 0.45 -6.15 9.73
N ILE A 29 1.66 -6.24 9.18
CA ILE A 29 1.81 -6.54 7.76
C ILE A 29 1.29 -7.93 7.44
N ARG A 30 1.53 -8.89 8.34
CA ARG A 30 1.00 -10.23 8.14
C ARG A 30 -0.53 -10.22 8.08
N ALA A 31 -1.18 -9.42 8.93
CA ALA A 31 -2.63 -9.34 8.92
C ALA A 31 -3.16 -8.64 7.68
N VAL A 32 -2.45 -7.61 7.20
CA VAL A 32 -2.85 -6.94 5.97
C VAL A 32 -2.78 -7.90 4.79
N ARG A 33 -1.67 -8.64 4.69
CA ARG A 33 -1.57 -9.64 3.62
C ARG A 33 -2.67 -10.68 3.71
N GLY A 34 -3.00 -11.10 4.94
CA GLY A 34 -4.06 -12.09 5.11
C GLY A 34 -5.43 -11.58 4.68
N ARG A 35 -5.66 -10.28 4.82
CA ARG A 35 -6.95 -9.72 4.41
C ARG A 35 -6.99 -9.42 2.91
N LEU A 36 -5.82 -9.18 2.30
CA LEU A 36 -5.79 -8.86 0.88
C LEU A 36 -5.99 -10.09 0.01
N THR A 37 -5.58 -11.27 0.48
CA THR A 37 -5.61 -12.48 -0.33
C THR A 37 -6.60 -13.49 0.23
N THR A 38 -7.11 -14.33 -0.66
CA THR A 38 -7.90 -15.48 -0.23
C THR A 38 -7.03 -16.68 0.10
N GLY A 39 -5.75 -16.65 -0.25
CA GLY A 39 -4.89 -17.79 -0.07
C GLY A 39 -5.19 -18.96 -0.98
N ALA A 40 -6.19 -18.84 -1.85
CA ALA A 40 -6.55 -19.91 -2.77
C ALA A 40 -5.86 -19.80 -4.12
N ASP A 41 -5.25 -18.64 -4.41
CA ASP A 41 -4.54 -18.41 -5.66
C ASP A 41 -3.10 -18.07 -5.32
N VAL A 42 -2.21 -19.05 -5.40
CA VAL A 42 -0.80 -18.90 -5.07
C VAL A 42 0.00 -19.51 -6.20
N ARG A 43 0.91 -18.73 -6.78
CA ARG A 43 1.67 -19.17 -7.95
C ARG A 43 3.15 -19.02 -7.67
N HIS A 44 3.90 -20.12 -7.79
CA HIS A 44 5.31 -20.13 -7.44
C HIS A 44 5.52 -19.62 -6.02
N GLU A 45 4.64 -20.05 -5.12
CA GLU A 45 4.65 -19.71 -3.70
C GLU A 45 4.35 -18.24 -3.44
N ILE A 46 3.86 -17.50 -4.43
CA ILE A 46 3.57 -16.07 -4.30
C ILE A 46 2.06 -15.88 -4.41
N PRO A 47 1.39 -15.41 -3.37
CA PRO A 47 -0.06 -15.17 -3.45
C PRO A 47 -0.41 -14.12 -4.51
N VAL A 48 -1.55 -14.33 -5.18
CA VAL A 48 -2.09 -13.42 -6.17
C VAL A 48 -3.32 -12.73 -5.58
N LEU A 49 -3.41 -11.42 -5.79
CA LEU A 49 -4.54 -10.65 -5.31
C LEU A 49 -5.81 -11.01 -6.08
N PRO A 50 -6.98 -10.70 -5.53
CA PRO A 50 -8.24 -11.03 -6.23
C PRO A 50 -8.35 -10.33 -7.59
N ASN A 51 -8.97 -11.05 -8.53
CA ASN A 51 -9.28 -10.48 -9.84
C ASN A 51 -10.35 -9.41 -9.71
N ARG A 52 -10.08 -8.22 -10.24
CA ARG A 52 -11.02 -7.11 -10.20
C ARG A 52 -12.32 -7.43 -10.95
N VAL A 53 -12.22 -8.17 -12.04
CA VAL A 53 -13.39 -8.43 -12.88
C VAL A 53 -14.31 -9.39 -12.16
N GLY A 54 -15.54 -8.93 -11.86
CA GLY A 54 -16.50 -9.74 -11.14
C GLY A 54 -16.37 -9.75 -9.64
N LEU A 55 -15.43 -8.99 -9.07
CA LEU A 55 -15.23 -8.98 -7.62
C LEU A 55 -16.40 -8.26 -6.93
N PRO A 56 -17.12 -8.90 -6.02
CA PRO A 56 -18.22 -8.23 -5.34
C PRO A 56 -17.73 -7.01 -4.57
N ILE A 57 -18.56 -5.97 -4.54
CA ILE A 57 -18.10 -4.72 -3.95
C ILE A 57 -17.84 -4.86 -2.45
N ASN A 58 -18.53 -5.79 -1.78
CA ASN A 58 -18.21 -5.92 -0.35
C ASN A 58 -16.88 -6.62 -0.11
N GLN A 59 -16.20 -7.08 -1.16
CA GLN A 59 -14.87 -7.67 -1.06
C GLN A 59 -13.77 -6.74 -1.55
N ARG A 60 -14.11 -5.51 -1.95
CA ARG A 60 -13.20 -4.73 -2.79
C ARG A 60 -12.16 -3.96 -1.97
N PHE A 61 -12.45 -3.63 -0.73
CA PHE A 61 -11.58 -2.75 0.05
C PHE A 61 -11.31 -3.32 1.43
N ILE A 62 -10.16 -2.96 1.98
CA ILE A 62 -9.90 -3.14 3.40
C ILE A 62 -9.46 -1.80 3.97
N LEU A 63 -9.65 -1.64 5.27
CA LEU A 63 -9.35 -0.40 5.96
C LEU A 63 -8.19 -0.63 6.91
N VAL A 64 -7.25 0.32 6.92
CA VAL A 64 -6.10 0.27 7.83
C VAL A 64 -6.20 1.52 8.70
N GLU A 65 -6.41 1.32 9.99
CA GLU A 65 -6.53 2.44 10.92
C GLU A 65 -5.21 2.66 11.64
N LEU A 66 -4.61 3.83 11.41
CA LEU A 66 -3.32 4.17 11.97
C LEU A 66 -3.51 5.15 13.13
N SER A 67 -2.78 4.94 14.21
CA SER A 67 -2.82 5.83 15.34
C SER A 67 -1.39 6.13 15.79
N ASN A 68 -1.20 7.25 16.47
CA ASN A 68 0.13 7.59 16.96
C ASN A 68 0.12 7.95 18.43
N HIS A 69 1.22 8.53 18.93
CA HIS A 69 1.34 8.80 20.36
C HIS A 69 0.33 9.84 20.82
N ALA A 70 -0.12 10.73 19.94
CA ALA A 70 -1.11 11.73 20.29
C ALA A 70 -2.53 11.19 20.19
N GLU A 71 -2.68 9.88 19.98
CA GLU A 71 -3.97 9.23 19.80
C GLU A 71 -4.77 9.87 18.67
N LEU A 72 -4.07 10.44 17.70
CA LEU A 72 -4.69 10.84 16.44
C LEU A 72 -4.83 9.61 15.56
N SER A 73 -5.95 9.53 14.84
CA SER A 73 -6.27 8.35 14.06
C SER A 73 -6.71 8.77 12.66
N VAL A 74 -6.15 8.11 11.65
CA VAL A 74 -6.64 8.20 10.27
C VAL A 74 -6.83 6.79 9.77
N THR A 75 -7.80 6.62 8.87
CA THR A 75 -8.12 5.31 8.32
C THR A 75 -7.86 5.35 6.82
N LEU A 76 -6.89 4.56 6.36
CA LEU A 76 -6.61 4.43 4.94
C LEU A 76 -7.48 3.34 4.33
N ALA A 77 -7.95 3.57 3.10
CA ALA A 77 -8.67 2.56 2.35
C ALA A 77 -7.72 1.95 1.33
N LEU A 78 -7.57 0.63 1.35
CA LEU A 78 -6.73 -0.07 0.38
C LEU A 78 -7.61 -0.88 -0.57
N ASP A 79 -7.30 -0.79 -1.86
CA ASP A 79 -7.94 -1.62 -2.88
C ASP A 79 -7.33 -3.03 -2.82
N VAL A 80 -8.16 -4.05 -2.60
CA VAL A 80 -7.59 -5.40 -2.48
C VAL A 80 -7.03 -5.90 -3.80
N THR A 81 -7.42 -5.30 -4.93
CA THR A 81 -6.91 -5.78 -6.21
C THR A 81 -5.47 -5.35 -6.47
N ASN A 82 -4.97 -4.31 -5.80
CA ASN A 82 -3.58 -3.93 -6.00
C ASN A 82 -2.86 -3.53 -4.71
N ALA A 83 -3.51 -3.65 -3.55
CA ALA A 83 -2.96 -3.36 -2.23
C ALA A 83 -2.64 -1.88 -2.02
N TYR A 84 -3.13 -0.99 -2.88
CA TYR A 84 -2.70 0.40 -2.88
C TYR A 84 -3.76 1.31 -2.26
N VAL A 85 -3.28 2.40 -1.65
CA VAL A 85 -4.16 3.35 -0.98
C VAL A 85 -4.96 4.16 -1.99
N VAL A 86 -6.28 4.17 -1.84
CA VAL A 86 -7.15 4.95 -2.71
C VAL A 86 -7.69 6.21 -2.04
N GLY A 87 -7.56 6.32 -0.73
CA GLY A 87 -8.10 7.47 -0.01
C GLY A 87 -8.00 7.24 1.48
N TYR A 88 -8.48 8.22 2.24
CA TYR A 88 -8.45 8.07 3.69
C TYR A 88 -9.55 8.90 4.34
N ARG A 89 -9.84 8.55 5.58
CA ARG A 89 -10.81 9.26 6.40
C ARG A 89 -10.12 9.77 7.66
N ALA A 90 -10.39 11.02 8.01
CA ALA A 90 -9.96 11.59 9.27
C ALA A 90 -11.18 12.31 9.85
N GLY A 91 -11.75 11.75 10.92
CA GLY A 91 -12.92 12.35 11.51
C GLY A 91 -14.09 12.34 10.54
N ASN A 92 -14.70 13.51 10.37
CA ASN A 92 -15.89 13.67 9.54
C ASN A 92 -15.58 13.98 8.09
N SER A 93 -14.35 13.72 7.63
CA SER A 93 -13.96 14.03 6.26
C SER A 93 -13.23 12.85 5.64
N ALA A 94 -13.49 12.64 4.35
CA ALA A 94 -12.82 11.60 3.58
C ALA A 94 -12.24 12.21 2.32
N TYR A 95 -11.07 11.74 1.93
CA TYR A 95 -10.30 12.29 0.82
C TYR A 95 -9.86 11.16 -0.09
N PHE A 96 -10.17 11.27 -1.38
CA PHE A 96 -9.82 10.22 -2.34
C PHE A 96 -8.89 10.77 -3.41
N PHE A 97 -7.90 9.96 -3.79
CA PHE A 97 -7.13 10.26 -4.98
C PHE A 97 -8.03 10.24 -6.21
N HIS A 98 -7.64 10.99 -7.22
CA HIS A 98 -8.39 10.96 -8.47
C HIS A 98 -8.33 9.55 -9.05
N PRO A 99 -9.46 8.89 -9.29
CA PRO A 99 -9.44 7.51 -9.78
C PRO A 99 -8.84 7.42 -11.18
N ASP A 100 -8.15 6.30 -11.43
CA ASP A 100 -7.47 6.13 -12.70
C ASP A 100 -8.41 5.82 -13.85
N ASN A 101 -9.63 5.36 -13.56
CA ASN A 101 -10.61 5.04 -14.58
C ASN A 101 -11.99 5.09 -13.94
N GLN A 102 -13.03 5.04 -14.77
CA GLN A 102 -14.39 5.16 -14.25
C GLN A 102 -14.82 3.96 -13.43
N GLU A 103 -14.22 2.78 -13.66
CA GLU A 103 -14.50 1.62 -12.82
C GLU A 103 -14.08 1.86 -11.38
N ASP A 104 -12.84 2.29 -11.19
CA ASP A 104 -12.38 2.63 -9.86
C ASP A 104 -13.16 3.81 -9.30
N ALA A 105 -13.54 4.76 -10.16
CA ALA A 105 -14.34 5.88 -9.70
C ALA A 105 -15.66 5.40 -9.10
N GLU A 106 -16.28 4.40 -9.72
CA GLU A 106 -17.53 3.88 -9.19
C GLU A 106 -17.31 3.15 -7.87
N ALA A 107 -16.22 2.37 -7.79
CA ALA A 107 -15.98 1.55 -6.60
C ALA A 107 -15.82 2.42 -5.36
N ILE A 108 -15.14 3.56 -5.49
CA ILE A 108 -14.87 4.34 -4.28
C ILE A 108 -16.10 5.08 -3.77
N THR A 109 -17.19 5.14 -4.55
CA THR A 109 -18.43 5.67 -4.00
C THR A 109 -19.00 4.79 -2.89
N HIS A 110 -18.49 3.58 -2.74
CA HIS A 110 -18.92 2.65 -1.70
C HIS A 110 -18.11 2.79 -0.41
N LEU A 111 -17.12 3.68 -0.39
CA LEU A 111 -16.22 3.82 0.75
C LEU A 111 -16.68 4.97 1.64
N PHE A 112 -16.60 4.76 2.96
CA PHE A 112 -16.81 5.84 3.93
C PHE A 112 -18.16 6.51 3.72
N THR A 113 -19.22 5.72 3.52
CA THR A 113 -20.48 6.30 3.08
C THR A 113 -21.17 7.12 4.17
N ASP A 114 -20.80 6.92 5.44
CA ASP A 114 -21.38 7.70 6.52
C ASP A 114 -20.69 9.04 6.75
N VAL A 115 -19.58 9.30 6.07
CA VAL A 115 -18.79 10.50 6.35
C VAL A 115 -19.53 11.73 5.86
N GLN A 116 -19.40 12.83 6.61
CA GLN A 116 -20.15 14.05 6.32
C GLN A 116 -19.59 14.77 5.09
N ASN A 117 -18.27 14.87 4.99
CA ASN A 117 -17.60 15.68 3.98
C ASN A 117 -16.71 14.80 3.13
N ARG A 118 -17.00 14.72 1.83
CA ARG A 118 -16.24 13.90 0.89
C ARG A 118 -15.54 14.79 -0.12
N TYR A 119 -14.28 14.46 -0.43
CA TYR A 119 -13.47 15.22 -1.37
C TYR A 119 -12.68 14.27 -2.28
N THR A 120 -12.46 14.72 -3.50
CA THR A 120 -11.56 14.03 -4.44
C THR A 120 -10.44 14.97 -4.84
N PHE A 121 -9.21 14.51 -4.71
CA PHE A 121 -8.10 15.29 -5.23
C PHE A 121 -8.10 15.25 -6.75
N ALA A 122 -7.64 16.35 -7.36
CA ALA A 122 -7.55 16.37 -8.82
C ALA A 122 -6.41 15.50 -9.32
N PHE A 123 -5.48 15.15 -8.44
CA PHE A 123 -4.31 14.34 -8.77
C PHE A 123 -4.51 12.90 -8.30
N GLY A 124 -3.90 11.97 -9.03
CA GLY A 124 -3.88 10.58 -8.59
C GLY A 124 -2.84 10.32 -7.51
N GLY A 125 -2.86 9.10 -6.99
CA GLY A 125 -1.99 8.72 -5.90
C GLY A 125 -0.68 8.08 -6.31
N ASN A 126 -0.32 8.20 -7.58
CA ASN A 126 0.92 7.61 -8.06
C ASN A 126 2.12 8.43 -7.59
N TYR A 127 3.28 7.76 -7.45
CA TYR A 127 4.43 8.41 -6.85
C TYR A 127 4.89 9.63 -7.63
N ASP A 128 4.87 9.55 -8.97
CA ASP A 128 5.35 10.67 -9.77
C ASP A 128 4.61 11.96 -9.44
N ARG A 129 3.28 11.88 -9.35
CA ARG A 129 2.49 13.07 -9.02
C ARG A 129 2.70 13.50 -7.57
N LEU A 130 2.68 12.54 -6.63
CA LEU A 130 2.84 12.89 -5.22
C LEU A 130 4.19 13.53 -4.97
N GLU A 131 5.24 13.05 -5.64
CA GLU A 131 6.56 13.64 -5.51
C GLU A 131 6.58 15.09 -6.02
N GLN A 132 5.91 15.34 -7.14
CA GLN A 132 5.84 16.71 -7.63
C GLN A 132 5.15 17.64 -6.63
N LEU A 133 4.02 17.18 -6.07
CA LEU A 133 3.31 17.99 -5.08
C LEU A 133 4.14 18.18 -3.82
N ALA A 134 4.83 17.13 -3.39
CA ALA A 134 5.66 17.21 -2.20
C ALA A 134 6.93 18.04 -2.43
N GLY A 135 7.31 18.25 -3.69
CA GLY A 135 8.56 18.88 -4.00
C GLY A 135 9.78 18.06 -3.60
N ASN A 136 9.64 16.73 -3.52
CA ASN A 136 10.71 15.86 -3.08
C ASN A 136 10.52 14.46 -3.67
N LEU A 137 11.62 13.83 -4.06
CA LEU A 137 11.61 12.45 -4.50
C LEU A 137 11.49 11.49 -3.32
N ARG A 138 11.01 10.28 -3.60
CA ARG A 138 11.06 9.20 -2.61
C ARG A 138 12.47 9.05 -2.06
N GLU A 139 13.47 9.20 -2.92
CA GLU A 139 14.88 9.10 -2.52
C GLU A 139 15.27 10.07 -1.41
N ASN A 140 14.49 11.12 -1.20
CA ASN A 140 14.83 12.16 -0.23
C ASN A 140 13.83 12.26 0.91
N ILE A 141 12.95 11.28 1.07
CA ILE A 141 11.92 11.32 2.10
C ILE A 141 12.16 10.17 3.08
N GLU A 142 12.46 10.51 4.33
CA GLU A 142 12.82 9.50 5.32
C GLU A 142 11.63 8.63 5.70
N LEU A 143 11.91 7.34 5.93
CA LEU A 143 10.93 6.36 6.37
C LEU A 143 11.34 5.77 7.72
N GLY A 144 10.36 5.31 8.46
CA GLY A 144 10.59 4.79 9.80
C GLY A 144 9.41 5.14 10.69
N ASN A 145 9.52 4.72 11.95
CA ASN A 145 8.41 4.95 12.88
C ASN A 145 8.19 6.44 13.12
N GLY A 146 9.27 7.21 13.22
CA GLY A 146 9.19 8.64 13.40
C GLY A 146 8.49 9.33 12.25
N PRO A 147 8.96 9.07 11.02
CA PRO A 147 8.23 9.58 9.84
C PRO A 147 6.77 9.18 9.81
N LEU A 148 6.46 7.93 10.18
CA LEU A 148 5.07 7.49 10.15
C LEU A 148 4.24 8.22 11.20
N GLU A 149 4.77 8.41 12.40
CA GLU A 149 4.10 9.22 13.42
C GLU A 149 3.75 10.60 12.87
N GLU A 150 4.72 11.25 12.23
CA GLU A 150 4.49 12.58 11.67
C GLU A 150 3.51 12.54 10.53
N ALA A 151 3.57 11.51 9.69
CA ALA A 151 2.66 11.42 8.55
C ALA A 151 1.22 11.27 9.03
N ILE A 152 1.02 10.49 10.09
CA ILE A 152 -0.33 10.30 10.64
C ILE A 152 -0.89 11.65 11.09
N SER A 153 -0.08 12.44 11.80
CA SER A 153 -0.54 13.74 12.26
C SER A 153 -0.87 14.66 11.09
N ALA A 154 -0.03 14.64 10.05
CA ALA A 154 -0.26 15.53 8.92
C ALA A 154 -1.55 15.19 8.20
N LEU A 155 -1.81 13.88 8.00
CA LEU A 155 -3.07 13.47 7.38
C LEU A 155 -4.25 13.89 8.23
N TYR A 156 -4.13 13.71 9.55
CA TYR A 156 -5.24 14.03 10.45
C TYR A 156 -5.57 15.51 10.42
N TYR A 157 -4.55 16.36 10.42
CA TYR A 157 -4.75 17.79 10.57
C TYR A 157 -5.05 18.48 9.23
N TYR A 158 -5.21 17.72 8.15
CA TYR A 158 -5.55 18.33 6.86
C TYR A 158 -6.93 18.99 6.90
N SER A 159 -7.89 18.37 7.60
CA SER A 159 -9.27 18.86 7.55
C SER A 159 -9.41 20.25 8.13
N THR A 160 -8.72 20.53 9.24
CA THR A 160 -8.88 21.77 9.98
C THR A 160 -7.85 22.82 9.63
N GLY A 161 -7.26 22.75 8.43
CA GLY A 161 -6.44 23.81 7.90
C GLY A 161 -4.99 23.80 8.30
N GLY A 162 -4.58 22.89 9.19
CA GLY A 162 -3.18 22.86 9.56
C GLY A 162 -2.29 22.48 8.39
N THR A 163 -2.56 21.32 7.80
CA THR A 163 -1.61 20.71 6.89
C THR A 163 -1.76 21.26 5.47
N GLN A 164 -0.65 21.65 4.87
CA GLN A 164 -0.68 22.09 3.48
C GLN A 164 -0.36 20.93 2.54
N LEU A 165 -0.70 21.14 1.27
CA LEU A 165 -0.62 20.06 0.29
C LEU A 165 0.77 19.45 0.15
N PRO A 166 1.88 20.21 0.10
CA PRO A 166 3.20 19.54 0.01
C PRO A 166 3.45 18.56 1.14
N THR A 167 3.13 18.94 2.38
CA THR A 167 3.33 18.03 3.51
C THR A 167 2.36 16.86 3.46
N LEU A 168 1.11 17.11 3.03
CA LEU A 168 0.17 16.01 2.85
C LEU A 168 0.70 14.99 1.85
N ALA A 169 1.25 15.47 0.73
CA ALA A 169 1.76 14.56 -0.30
C ALA A 169 2.95 13.78 0.22
N ARG A 170 3.88 14.45 0.93
CA ARG A 170 4.98 13.74 1.55
C ARG A 170 4.48 12.67 2.51
N SER A 171 3.41 12.98 3.26
CA SER A 171 2.89 12.03 4.23
C SER A 171 2.23 10.83 3.56
N PHE A 172 1.57 11.06 2.42
CA PHE A 172 1.06 9.93 1.62
C PHE A 172 2.20 9.03 1.19
N ILE A 173 3.29 9.61 0.69
CA ILE A 173 4.42 8.83 0.21
C ILE A 173 4.95 7.93 1.32
N ILE A 174 4.96 8.44 2.56
CA ILE A 174 5.44 7.67 3.69
C ILE A 174 4.48 6.51 4.00
N CYS A 175 3.18 6.81 4.10
CA CYS A 175 2.21 5.78 4.46
C CYS A 175 2.12 4.70 3.40
N ILE A 176 2.10 5.09 2.12
CA ILE A 176 1.96 4.11 1.05
C ILE A 176 3.12 3.14 1.06
N GLN A 177 4.34 3.63 1.27
CA GLN A 177 5.48 2.73 1.26
C GLN A 177 5.51 1.83 2.49
N MET A 178 5.18 2.38 3.66
CA MET A 178 5.29 1.57 4.87
C MET A 178 4.14 0.61 5.04
N ILE A 179 3.07 0.76 4.26
CA ILE A 179 1.90 -0.11 4.37
C ILE A 179 1.73 -0.90 3.08
N SER A 180 1.44 -0.22 1.97
CA SER A 180 1.17 -0.89 0.71
C SER A 180 2.40 -1.62 0.18
N GLU A 181 3.53 -0.90 0.06
CA GLU A 181 4.70 -1.54 -0.55
C GLU A 181 5.31 -2.59 0.37
N ALA A 182 5.22 -2.40 1.68
CA ALA A 182 5.65 -3.44 2.60
C ALA A 182 4.77 -4.68 2.49
N ALA A 183 3.46 -4.48 2.29
CA ALA A 183 2.60 -5.65 2.10
C ALA A 183 2.95 -6.37 0.81
N ARG A 184 3.28 -5.61 -0.25
CA ARG A 184 3.60 -6.19 -1.54
C ARG A 184 4.93 -6.94 -1.54
N PHE A 185 5.90 -6.51 -0.74
CA PHE A 185 7.28 -6.99 -0.83
C PHE A 185 7.82 -7.34 0.55
N GLN A 186 8.15 -8.62 0.77
CA GLN A 186 8.90 -8.96 1.99
C GLN A 186 10.20 -8.16 2.08
N TYR A 187 10.80 -7.81 0.94
CA TYR A 187 12.05 -7.06 0.95
C TYR A 187 11.85 -5.68 1.57
N ILE A 188 10.79 -4.99 1.17
CA ILE A 188 10.52 -3.65 1.70
C ILE A 188 10.01 -3.74 3.14
N GLU A 189 9.20 -4.75 3.44
CA GLU A 189 8.86 -5.01 4.85
C GLU A 189 10.12 -5.14 5.69
N GLY A 190 11.10 -5.90 5.20
CA GLY A 190 12.33 -6.08 5.96
C GLY A 190 13.12 -4.79 6.13
N GLU A 191 13.10 -3.93 5.11
CA GLU A 191 13.72 -2.61 5.24
C GLU A 191 13.08 -1.80 6.35
N MET A 192 11.75 -1.86 6.46
CA MET A 192 11.08 -1.13 7.52
C MET A 192 11.31 -1.78 8.88
N ARG A 193 11.35 -3.11 8.94
CA ARG A 193 11.70 -3.80 10.18
C ARG A 193 13.05 -3.34 10.72
N THR A 194 14.05 -3.25 9.84
CA THR A 194 15.38 -2.83 10.27
C THR A 194 15.37 -1.40 10.81
N ARG A 195 14.65 -0.50 10.14
CA ARG A 195 14.53 0.88 10.65
C ARG A 195 13.88 0.91 12.02
N ILE A 196 12.83 0.11 12.23
CA ILE A 196 12.18 0.07 13.53
C ILE A 196 13.10 -0.57 14.57
N ARG A 197 13.76 -1.66 14.20
CA ARG A 197 14.62 -2.36 15.16
C ARG A 197 15.68 -1.44 15.73
N TYR A 198 16.26 -0.57 14.89
CA TYR A 198 17.40 0.23 15.30
C TYR A 198 17.08 1.72 15.44
N ASN A 199 15.79 2.07 15.47
CA ASN A 199 15.34 3.45 15.68
C ASN A 199 15.98 4.38 14.66
N ARG A 200 15.92 3.97 13.40
CA ARG A 200 16.51 4.73 12.31
C ARG A 200 15.41 5.31 11.43
N ARG A 201 15.69 6.47 10.85
CA ARG A 201 14.83 7.04 9.82
C ARG A 201 15.74 7.40 8.65
N SER A 202 15.59 6.67 7.56
CA SER A 202 16.40 6.89 6.38
C SER A 202 15.51 6.74 5.16
N ALA A 203 15.84 7.49 4.11
CA ALA A 203 15.10 7.36 2.87
C ALA A 203 15.39 6.01 2.21
N PRO A 204 14.47 5.52 1.39
CA PRO A 204 14.70 4.25 0.70
C PRO A 204 15.78 4.39 -0.35
N ASP A 205 16.54 3.31 -0.55
CA ASP A 205 17.62 3.35 -1.53
C ASP A 205 17.10 2.87 -2.89
N PRO A 206 17.91 2.89 -3.96
CA PRO A 206 17.38 2.51 -5.29
C PRO A 206 16.83 1.10 -5.38
N SER A 207 17.26 0.16 -4.53
CA SER A 207 16.70 -1.19 -4.63
C SER A 207 15.23 -1.19 -4.23
N VAL A 208 14.86 -0.41 -3.20
CA VAL A 208 13.46 -0.29 -2.81
C VAL A 208 12.66 0.44 -3.90
N ILE A 209 13.20 1.55 -4.39
CA ILE A 209 12.44 2.39 -5.31
C ILE A 209 12.18 1.65 -6.62
N THR A 210 13.17 0.91 -7.11
CA THR A 210 12.98 0.18 -8.36
C THR A 210 12.01 -0.99 -8.20
N LEU A 211 12.01 -1.65 -7.05
CA LEU A 211 11.01 -2.68 -6.80
C LEU A 211 9.60 -2.08 -6.81
N GLU A 212 9.42 -0.95 -6.12
CA GLU A 212 8.13 -0.26 -6.15
C GLU A 212 7.70 0.05 -7.58
N ASN A 213 8.63 0.59 -8.38
CA ASN A 213 8.32 0.97 -9.76
C ASN A 213 8.01 -0.25 -10.62
N SER A 214 8.52 -1.43 -10.25
CA SER A 214 8.48 -2.62 -11.10
C SER A 214 7.44 -3.64 -10.66
N TRP A 215 6.63 -3.34 -9.63
CA TRP A 215 5.73 -4.35 -9.07
C TRP A 215 4.75 -4.85 -10.12
N GLY A 216 4.17 -3.94 -10.90
CA GLY A 216 3.23 -4.35 -11.93
C GLY A 216 3.89 -5.21 -13.00
N ARG A 217 5.10 -4.81 -13.43
CA ARG A 217 5.81 -5.57 -14.45
C ARG A 217 6.27 -6.93 -13.94
N LEU A 218 6.63 -7.02 -12.66
CA LEU A 218 7.01 -8.31 -12.09
C LEU A 218 5.81 -9.25 -12.00
N SER A 219 4.64 -8.71 -11.64
CA SER A 219 3.45 -9.54 -11.58
C SER A 219 3.12 -10.13 -12.95
N THR A 220 3.26 -9.33 -14.00
CA THR A 220 3.01 -9.85 -15.36
C THR A 220 4.07 -10.87 -15.76
N ALA A 221 5.34 -10.57 -15.49
CA ALA A 221 6.41 -11.49 -15.89
C ALA A 221 6.23 -12.85 -15.22
N ILE A 222 5.81 -12.87 -13.96
CA ILE A 222 5.70 -14.13 -13.24
C ILE A 222 4.51 -14.93 -13.72
N GLN A 223 3.36 -14.28 -13.90
CA GLN A 223 2.14 -15.00 -14.27
C GLN A 223 2.15 -15.44 -15.73
N GLU A 224 2.87 -14.73 -16.60
CA GLU A 224 2.97 -15.15 -17.99
C GLU A 224 4.23 -15.94 -18.30
N SER A 225 4.97 -16.33 -17.27
CA SER A 225 6.22 -17.07 -17.46
C SER A 225 5.96 -18.49 -17.92
N ASN A 226 7.03 -19.13 -18.40
CA ASN A 226 7.02 -20.53 -18.76
C ASN A 226 7.70 -21.29 -17.64
N GLN A 227 6.90 -21.90 -16.77
CA GLN A 227 7.40 -22.63 -15.60
C GLN A 227 8.27 -21.74 -14.72
N GLY A 228 7.92 -20.46 -14.63
CA GLY A 228 8.69 -19.52 -13.85
C GLY A 228 9.78 -18.79 -14.62
N ALA A 229 10.07 -19.18 -15.85
CA ALA A 229 11.12 -18.55 -16.64
C ALA A 229 10.54 -17.43 -17.48
N PHE A 230 11.15 -16.25 -17.39
CA PHE A 230 10.69 -15.07 -18.11
C PHE A 230 11.16 -15.13 -19.55
N ALA A 231 10.27 -14.77 -20.48
CA ALA A 231 10.67 -14.68 -21.87
C ALA A 231 11.66 -13.55 -22.09
N SER A 232 11.56 -12.49 -21.28
CA SER A 232 12.45 -11.34 -21.36
C SER A 232 12.83 -10.97 -19.92
N PRO A 233 14.06 -10.53 -19.70
CA PRO A 233 14.48 -10.20 -18.33
C PRO A 233 13.81 -8.94 -17.84
N ILE A 234 13.61 -8.89 -16.52
CA ILE A 234 13.19 -7.67 -15.83
C ILE A 234 14.44 -7.04 -15.24
N GLN A 235 14.61 -5.74 -15.45
CA GLN A 235 15.77 -5.05 -14.90
C GLN A 235 15.41 -4.42 -13.57
N LEU A 236 16.19 -4.73 -12.55
CA LEU A 236 16.05 -4.15 -11.23
C LEU A 236 17.36 -3.45 -10.86
N GLN A 237 17.40 -2.86 -9.66
CA GLN A 237 18.59 -2.16 -9.23
C GLN A 237 19.02 -2.63 -7.85
N ARG A 238 20.34 -2.59 -7.63
CA ARG A 238 20.93 -2.90 -6.34
C ARG A 238 20.88 -1.67 -5.44
N ARG A 239 21.32 -1.85 -4.19
CA ARG A 239 21.30 -0.75 -3.23
C ARG A 239 22.10 0.45 -3.72
N ASN A 240 23.15 0.23 -4.49
CA ASN A 240 23.97 1.35 -4.97
C ASN A 240 23.51 1.87 -6.33
N GLY A 241 22.39 1.36 -6.84
CA GLY A 241 21.83 1.85 -8.08
C GLY A 241 22.26 1.11 -9.32
N SER A 242 23.23 0.20 -9.22
CA SER A 242 23.66 -0.55 -10.39
C SER A 242 22.57 -1.52 -10.83
N LYS A 243 22.41 -1.65 -12.14
CA LYS A 243 21.33 -2.46 -12.70
C LYS A 243 21.72 -3.93 -12.78
N PHE A 244 20.72 -4.79 -12.71
CA PHE A 244 20.92 -6.22 -12.93
C PHE A 244 19.61 -6.81 -13.42
N SER A 245 19.69 -7.99 -14.02
CA SER A 245 18.53 -8.61 -14.64
C SER A 245 18.08 -9.81 -13.81
N VAL A 246 16.77 -10.02 -13.79
CA VAL A 246 16.16 -11.22 -13.24
C VAL A 246 15.50 -11.98 -14.39
N TYR A 247 15.77 -13.27 -14.47
CA TYR A 247 15.31 -14.10 -15.59
C TYR A 247 14.28 -15.14 -15.17
N ASP A 248 13.99 -15.27 -13.89
CA ASP A 248 13.22 -16.40 -13.40
C ASP A 248 12.61 -16.03 -12.05
N VAL A 249 11.50 -16.69 -11.72
CA VAL A 249 10.78 -16.33 -10.49
C VAL A 249 11.53 -16.72 -9.22
N SER A 250 12.45 -17.70 -9.30
CA SER A 250 13.00 -18.28 -8.06
C SER A 250 13.68 -17.24 -7.18
N ILE A 251 14.43 -16.30 -7.78
CA ILE A 251 15.15 -15.32 -6.97
C ILE A 251 14.20 -14.29 -6.36
N LEU A 252 12.98 -14.19 -6.89
CA LEU A 252 11.99 -13.22 -6.40
C LEU A 252 11.12 -13.78 -5.28
N ILE A 253 11.14 -15.09 -5.05
CA ILE A 253 10.27 -15.68 -4.03
C ILE A 253 10.51 -15.10 -2.64
N PRO A 254 11.74 -14.83 -2.19
CA PRO A 254 11.91 -14.15 -0.90
C PRO A 254 11.70 -12.65 -0.95
N ILE A 255 11.44 -12.08 -2.13
CA ILE A 255 11.40 -10.64 -2.36
C ILE A 255 9.97 -10.12 -2.42
N ILE A 256 9.13 -10.75 -3.23
CA ILE A 256 7.78 -10.26 -3.51
C ILE A 256 6.78 -11.15 -2.78
N ALA A 257 5.82 -10.53 -2.11
CA ALA A 257 4.84 -11.25 -1.29
C ALA A 257 3.45 -11.32 -1.89
N LEU A 258 3.12 -10.41 -2.80
CA LEU A 258 1.81 -10.29 -3.43
C LEU A 258 1.98 -9.89 -4.88
N MET A 259 1.06 -10.35 -5.73
CA MET A 259 1.02 -9.94 -7.13
C MET A 259 -0.38 -9.50 -7.52
N VAL A 260 -0.46 -8.48 -8.38
CA VAL A 260 -1.75 -8.13 -8.96
C VAL A 260 -2.15 -9.21 -9.95
N TYR A 261 -3.43 -9.57 -9.94
CA TYR A 261 -3.95 -10.56 -10.86
C TYR A 261 -3.78 -10.11 -12.30
N ARG A 262 -3.18 -10.98 -13.12
CA ARG A 262 -3.04 -10.75 -14.56
C ARG A 262 -3.84 -11.72 -15.40
N CYS A 263 -3.81 -13.01 -15.07
CA CYS A 263 -4.57 -14.01 -15.79
C CYS A 263 -4.92 -15.16 -14.86
N ALA A 264 -5.72 -16.09 -15.37
CA ALA A 264 -6.21 -17.20 -14.55
C ALA A 264 -5.07 -18.14 -14.19
N PRO A 265 -5.15 -18.79 -13.03
CA PRO A 265 -4.12 -19.78 -12.68
C PRO A 265 -4.19 -20.99 -13.59
N PRO A 266 -3.12 -21.77 -13.70
CA PRO A 266 -3.14 -22.97 -14.53
C PRO A 266 -4.05 -24.05 -13.95
#